data_3G00
#
_entry.id   3G00
#
_cell.length_a   48.966
_cell.length_b   79.510
_cell.length_c   87.750
_cell.angle_alpha   90.000
_cell.angle_beta   97.760
_cell.angle_gamma   90.000
#
_symmetry.space_group_name_H-M   'P 1 21 1'
#
loop_
_entity.id
_entity.type
_entity.pdbx_description
1 polymer Exodeoxyribonuclease
2 polymer "5'-D(*CP*GP*TP*AP*TP*TP*AP*CP*G)-3'"
3 polymer "5'-D(*CP*GP*TP*AP*UP*TP*AP*CP*G)-3'"
4 non-polymer 'PHOSPHATE ION'
5 non-polymer GLYCEROL
6 non-polymer (4S)-2-METHYL-2,4-PENTANEDIOL
7 water water
#
loop_
_entity_poly.entity_id
_entity_poly.type
_entity_poly.pdbx_seq_one_letter_code
_entity_poly.pdbx_strand_id
1 'polypeptide(L)'
;MAVLKIISWNVNGLRAVHRKGFLKWFMEEKPDILCLQEIKAAPEQLPRKLRHVEGYRSFFTPAERKGYSGVAMYTKVPPS
SLREGFGVERFDTEGRIQIADFDDFLLYNIYFPNGKMSEERLKYKLEFYDAFLEDVNRERDSGRNVIICGNFNTAHREID
LARPKENSNVSGFLPVERAWIDKFIENGYVDTFRMFNSDPGQYTWWSYRTRARERNVGWRLDYFFVNEEFKGKVKRSWIL
SDVMGSDHCPIGLEIELLEHHHHHH
;
A,B
2 'polydeoxyribonucleotide' (DC)(DG)(DT)(DA)(DT)(DT)(DA)(DC)(DG) H
3 'polydeoxyribonucleotide' (DC)(DG)(DT)(DA)(DU)(DT)(DA)(DC)(DG) I
#
# COMPACT_ATOMS: atom_id res chain seq x y z
N ALA A 2 5.88 12.34 -42.20
CA ALA A 2 4.88 11.26 -41.90
C ALA A 2 3.92 11.74 -40.80
N VAL A 3 2.91 10.93 -40.44
CA VAL A 3 2.05 11.25 -39.30
C VAL A 3 2.72 10.78 -38.00
N LEU A 4 2.85 11.67 -37.03
CA LEU A 4 3.46 11.31 -35.73
C LEU A 4 2.37 11.37 -34.67
N LYS A 5 2.23 10.31 -33.84
CA LYS A 5 1.28 10.31 -32.73
C LYS A 5 2.03 10.49 -31.40
N ILE A 6 1.59 11.47 -30.59
CA ILE A 6 2.13 11.69 -29.25
C ILE A 6 0.98 11.45 -28.28
N ILE A 7 1.24 10.69 -27.22
CA ILE A 7 0.25 10.53 -26.16
C ILE A 7 0.88 11.08 -24.90
N SER A 8 0.07 11.77 -24.07
CA SER A 8 0.48 12.27 -22.74
C SER A 8 -0.46 11.67 -21.70
N TRP A 9 0.12 11.27 -20.57
CA TRP A 9 -0.70 10.64 -19.52
C TRP A 9 -0.08 10.81 -18.15
N ASN A 10 -0.84 11.46 -17.26
CA ASN A 10 -0.48 11.55 -15.87
C ASN A 10 -0.90 10.25 -15.18
N VAL A 11 0.06 9.34 -15.03
CA VAL A 11 -0.21 7.96 -14.64
C VAL A 11 -0.46 7.81 -13.14
N ASN A 12 -0.04 8.77 -12.34
CA ASN A 12 -0.22 8.63 -10.90
C ASN A 12 0.38 7.31 -10.35
N GLY A 13 1.67 7.10 -10.63
CA GLY A 13 2.35 5.91 -10.18
C GLY A 13 2.57 4.99 -11.39
N LEU A 14 3.74 5.07 -11.98
CA LEU A 14 4.08 4.19 -13.09
C LEU A 14 4.11 2.74 -12.64
N ARG A 15 4.67 2.42 -11.45
CA ARG A 15 4.56 1.00 -11.04
C ARG A 15 3.12 0.52 -10.89
N ALA A 16 2.24 1.40 -10.44
CA ALA A 16 0.83 1.08 -10.30
C ALA A 16 0.18 0.76 -11.64
N VAL A 17 0.38 1.61 -12.64
CA VAL A 17 -0.24 1.35 -13.95
C VAL A 17 0.37 0.09 -14.61
N HIS A 18 1.64 -0.17 -14.32
CA HIS A 18 2.34 -1.40 -14.83
C HIS A 18 1.58 -2.61 -14.28
N ARG A 19 1.28 -2.59 -12.98
N ARG A 19 1.34 -2.58 -12.96
CA ARG A 19 0.57 -3.70 -12.35
CA ARG A 19 0.51 -3.59 -12.26
C ARG A 19 -0.85 -3.90 -12.90
C ARG A 19 -0.76 -3.90 -13.04
N LYS A 20 -1.40 -2.84 -13.50
CA LYS A 20 -2.74 -2.85 -14.07
C LYS A 20 -2.79 -3.13 -15.58
N GLY A 21 -1.63 -3.25 -16.21
CA GLY A 21 -1.62 -3.61 -17.62
C GLY A 21 -1.13 -2.52 -18.56
N PHE A 22 -0.42 -1.54 -18.03
CA PHE A 22 0.20 -0.49 -18.86
C PHE A 22 0.89 -0.96 -20.16
N LEU A 23 1.74 -1.99 -20.08
CA LEU A 23 2.49 -2.42 -21.27
C LEU A 23 1.58 -2.92 -22.37
N LYS A 24 0.53 -3.65 -22.01
CA LYS A 24 -0.49 -4.09 -22.97
C LYS A 24 -1.18 -2.92 -23.69
N TRP A 25 -1.63 -1.94 -22.92
CA TRP A 25 -2.19 -0.72 -23.47
C TRP A 25 -1.19 -0.02 -24.43
N PHE A 26 0.05 0.12 -23.96
CA PHE A 26 1.12 0.81 -24.69
C PHE A 26 1.37 0.14 -26.04
N MET A 27 1.46 -1.19 -26.05
CA MET A 27 1.65 -1.91 -27.29
CA MET A 27 1.63 -1.97 -27.28
C MET A 27 0.47 -1.78 -28.26
N GLU A 28 -0.74 -1.61 -27.73
CA GLU A 28 -1.94 -1.47 -28.53
C GLU A 28 -1.99 -0.10 -29.19
N GLU A 29 -1.61 0.91 -28.43
CA GLU A 29 -1.72 2.30 -28.87
C GLU A 29 -0.57 2.71 -29.77
N LYS A 30 0.59 2.11 -29.52
CA LYS A 30 1.86 2.37 -30.24
C LYS A 30 2.08 3.81 -30.71
N PRO A 31 2.14 4.72 -29.75
CA PRO A 31 2.43 6.07 -30.21
C PRO A 31 3.88 6.16 -30.64
N ASP A 32 4.20 7.18 -31.40
CA ASP A 32 5.57 7.50 -31.74
C ASP A 32 6.29 7.99 -30.50
N ILE A 33 5.59 8.77 -29.68
CA ILE A 33 6.15 9.29 -28.45
C ILE A 33 5.11 9.18 -27.34
N LEU A 34 5.54 8.75 -26.13
CA LEU A 34 4.64 8.66 -24.98
C LEU A 34 5.27 9.48 -23.87
N CYS A 35 4.51 10.45 -23.37
CA CYS A 35 4.97 11.34 -22.28
C CYS A 35 4.17 10.98 -21.05
N LEU A 36 4.83 10.73 -19.92
CA LEU A 36 4.13 10.38 -18.70
C LEU A 36 4.47 11.38 -17.61
N GLN A 37 3.51 11.69 -16.74
CA GLN A 37 3.73 12.57 -15.59
C GLN A 37 3.33 11.84 -14.31
N GLU A 38 3.91 12.29 -13.21
CA GLU A 38 3.66 11.70 -11.89
C GLU A 38 3.92 10.20 -11.89
N ILE A 39 5.14 9.82 -12.28
CA ILE A 39 5.52 8.39 -12.28
C ILE A 39 5.85 7.88 -10.88
N LYS A 40 6.17 8.78 -9.95
CA LYS A 40 6.44 8.37 -8.54
C LYS A 40 7.49 7.26 -8.42
N ALA A 41 8.56 7.38 -9.20
CA ALA A 41 9.55 6.33 -9.26
C ALA A 41 10.84 6.80 -9.90
N ALA A 42 11.95 6.22 -9.46
CA ALA A 42 13.22 6.35 -10.19
C ALA A 42 13.47 5.07 -10.97
N PRO A 43 14.31 5.13 -12.03
CA PRO A 43 14.55 3.98 -12.90
C PRO A 43 14.95 2.71 -12.12
N GLU A 44 15.77 2.84 -11.07
CA GLU A 44 16.14 1.67 -10.28
C GLU A 44 14.96 0.93 -9.61
N GLN A 45 13.85 1.64 -9.43
CA GLN A 45 12.64 1.03 -8.88
C GLN A 45 11.77 0.30 -9.91
N LEU A 46 12.14 0.40 -11.18
CA LEU A 46 11.33 -0.18 -12.24
C LEU A 46 11.90 -1.48 -12.78
N PRO A 47 11.05 -2.48 -13.09
CA PRO A 47 11.59 -3.69 -13.72
C PRO A 47 12.24 -3.38 -15.06
N ARG A 48 13.12 -4.28 -15.48
CA ARG A 48 13.90 -4.08 -16.70
C ARG A 48 12.97 -3.91 -17.91
N LYS A 49 11.88 -4.67 -17.92
CA LYS A 49 10.92 -4.66 -19.03
C LYS A 49 10.04 -3.39 -19.08
N LEU A 50 10.07 -2.63 -18.00
CA LEU A 50 9.41 -1.35 -17.97
C LEU A 50 10.40 -0.26 -18.38
N ARG A 51 11.67 -0.43 -18.01
CA ARG A 51 12.73 0.50 -18.46
C ARG A 51 13.04 0.40 -19.95
N HIS A 52 12.92 -0.81 -20.51
CA HIS A 52 13.33 -1.03 -21.85
C HIS A 52 12.17 -1.72 -22.55
N VAL A 53 11.40 -0.93 -23.28
CA VAL A 53 10.27 -1.45 -24.06
C VAL A 53 10.71 -1.55 -25.50
N GLU A 54 10.56 -2.73 -26.09
CA GLU A 54 11.08 -3.01 -27.40
C GLU A 54 10.59 -1.97 -28.42
N GLY A 55 11.53 -1.36 -29.14
CA GLY A 55 11.24 -0.33 -30.14
C GLY A 55 11.28 1.11 -29.63
N TYR A 56 11.52 1.28 -28.34
CA TYR A 56 11.48 2.61 -27.73
C TYR A 56 12.73 2.89 -26.92
N ARG A 57 13.16 4.14 -26.93
CA ARG A 57 14.16 4.59 -26.00
C ARG A 57 13.45 5.33 -24.87
N SER A 58 13.86 5.11 -23.62
CA SER A 58 13.15 5.69 -22.47
C SER A 58 14.07 6.67 -21.76
N PHE A 59 13.46 7.69 -21.14
CA PHE A 59 14.17 8.75 -20.45
C PHE A 59 13.35 9.01 -19.22
N PHE A 60 13.96 8.84 -18.04
CA PHE A 60 13.22 8.97 -16.79
C PHE A 60 13.83 10.14 -16.07
N THR A 61 12.96 11.00 -15.56
CA THR A 61 13.41 12.22 -14.83
C THR A 61 12.68 12.27 -13.49
N PRO A 62 13.19 11.53 -12.49
CA PRO A 62 12.55 11.39 -11.17
C PRO A 62 12.80 12.66 -10.34
N ALA A 63 11.98 12.88 -9.32
CA ALA A 63 12.20 13.95 -8.36
C ALA A 63 13.38 13.57 -7.44
N GLU A 64 13.98 14.53 -6.75
N GLU A 64 13.95 14.53 -6.72
CA GLU A 64 14.95 14.16 -5.73
CA GLU A 64 14.92 14.18 -5.69
C GLU A 64 14.24 13.33 -4.63
C GLU A 64 14.29 13.45 -4.52
N ARG A 65 13.02 13.73 -4.27
CA ARG A 65 12.24 13.05 -3.23
C ARG A 65 11.76 11.68 -3.72
N LYS A 66 11.98 10.63 -2.91
CA LYS A 66 11.65 9.26 -3.35
C LYS A 66 10.15 9.04 -3.51
N GLY A 67 9.73 8.48 -4.66
CA GLY A 67 8.32 8.15 -4.88
C GLY A 67 7.36 9.33 -4.99
N TYR A 68 7.90 10.50 -5.36
CA TYR A 68 7.15 11.74 -5.49
C TYR A 68 7.33 12.20 -6.93
N SER A 69 6.27 12.74 -7.51
CA SER A 69 6.36 13.44 -8.81
C SER A 69 7.09 12.59 -9.85
N GLY A 70 7.93 13.22 -10.69
CA GLY A 70 8.71 12.49 -11.68
C GLY A 70 7.98 12.49 -13.03
N VAL A 71 8.75 12.52 -14.11
CA VAL A 71 8.19 12.43 -15.48
C VAL A 71 9.02 11.43 -16.28
N ALA A 72 8.47 10.93 -17.39
CA ALA A 72 9.25 9.98 -18.21
C ALA A 72 8.82 10.18 -19.65
N MET A 73 9.65 9.71 -20.57
CA MET A 73 9.27 9.78 -21.99
C MET A 73 9.77 8.52 -22.65
N TYR A 74 8.93 7.91 -23.49
CA TYR A 74 9.40 6.80 -24.35
C TYR A 74 9.27 7.26 -25.78
N THR A 75 10.28 6.98 -26.61
CA THR A 75 10.19 7.47 -27.99
C THR A 75 10.87 6.47 -28.92
N LYS A 76 10.21 6.19 -30.06
CA LYS A 76 10.83 5.32 -31.09
C LYS A 76 12.11 5.91 -31.67
N VAL A 77 12.13 7.22 -31.87
CA VAL A 77 13.28 7.92 -32.42
C VAL A 77 13.80 8.78 -31.28
N PRO A 78 15.06 8.56 -30.86
CA PRO A 78 15.54 9.36 -29.73
C PRO A 78 15.73 10.82 -30.10
N PRO A 79 15.64 11.71 -29.10
CA PRO A 79 15.84 13.12 -29.36
C PRO A 79 17.34 13.41 -29.45
N SER A 80 17.70 14.48 -30.15
N SER A 80 17.68 14.51 -30.11
CA SER A 80 19.11 14.86 -30.22
CA SER A 80 19.06 14.99 -30.25
C SER A 80 19.59 15.28 -28.83
C SER A 80 19.60 15.54 -28.94
N SER A 81 18.70 15.87 -28.03
CA SER A 81 19.08 16.36 -26.69
C SER A 81 17.86 16.34 -25.76
N LEU A 82 18.11 16.31 -24.46
CA LEU A 82 17.02 16.33 -23.48
C LEU A 82 17.47 17.16 -22.29
N ARG A 83 16.75 18.25 -22.05
CA ARG A 83 17.01 19.17 -20.95
C ARG A 83 15.96 18.87 -19.86
N GLU A 84 16.41 18.80 -18.61
CA GLU A 84 15.57 18.41 -17.49
C GLU A 84 15.30 19.53 -16.49
N GLY A 85 15.36 20.75 -16.97
CA GLY A 85 15.06 21.91 -16.12
C GLY A 85 15.02 23.20 -16.88
N PHE A 86 14.61 24.26 -16.17
CA PHE A 86 14.61 25.65 -16.66
C PHE A 86 15.85 26.42 -16.24
N GLY A 87 16.66 25.82 -15.38
CA GLY A 87 17.85 26.49 -14.85
C GLY A 87 17.54 27.25 -13.58
N VAL A 88 16.50 26.80 -12.87
CA VAL A 88 16.10 27.36 -11.58
C VAL A 88 15.96 26.19 -10.62
N GLU A 89 16.81 26.17 -9.60
CA GLU A 89 16.95 24.99 -8.78
C GLU A 89 15.68 24.46 -8.17
N ARG A 90 14.84 25.32 -7.58
CA ARG A 90 13.66 24.82 -6.87
C ARG A 90 12.63 24.20 -7.82
N PHE A 91 12.65 24.63 -9.08
CA PHE A 91 11.74 24.09 -10.11
C PHE A 91 12.29 22.87 -10.78
N ASP A 92 13.60 22.64 -10.66
CA ASP A 92 14.33 21.63 -11.46
C ASP A 92 14.60 20.32 -10.74
N THR A 93 14.33 20.33 -9.44
CA THR A 93 14.61 19.20 -8.56
C THR A 93 13.38 18.37 -8.22
N GLU A 94 12.24 18.69 -8.82
CA GLU A 94 11.02 18.00 -8.42
C GLU A 94 10.59 17.01 -9.48
N GLY A 95 11.47 16.73 -10.46
CA GLY A 95 11.15 15.73 -11.48
C GLY A 95 9.95 16.16 -12.32
N ARG A 96 9.91 17.42 -12.73
CA ARG A 96 8.70 17.94 -13.41
C ARG A 96 8.90 18.31 -14.86
N ILE A 97 10.16 18.31 -15.31
CA ILE A 97 10.52 18.92 -16.59
C ILE A 97 11.38 17.99 -17.49
N GLN A 98 10.86 17.68 -18.68
CA GLN A 98 11.69 17.20 -19.81
C GLN A 98 11.40 18.07 -21.02
N ILE A 99 12.49 18.50 -21.67
CA ILE A 99 12.40 19.31 -22.91
C ILE A 99 13.29 18.58 -23.89
N ALA A 100 12.64 17.91 -24.82
CA ALA A 100 13.33 17.01 -25.77
C ALA A 100 13.38 17.60 -27.17
N ASP A 101 14.53 17.52 -27.82
CA ASP A 101 14.66 18.13 -29.14
C ASP A 101 14.52 17.07 -30.22
N PHE A 102 13.43 17.14 -30.98
CA PHE A 102 13.22 16.19 -32.08
C PHE A 102 13.50 16.84 -33.43
N ASP A 103 14.22 17.97 -33.40
CA ASP A 103 14.71 18.72 -34.57
C ASP A 103 13.62 19.52 -35.26
N ASP A 104 12.55 18.83 -35.67
CA ASP A 104 11.39 19.49 -36.23
C ASP A 104 10.64 20.32 -35.20
N PHE A 105 10.81 19.96 -33.93
CA PHE A 105 10.12 20.68 -32.85
C PHE A 105 10.81 20.30 -31.54
N LEU A 106 10.65 21.13 -30.52
CA LEU A 106 10.97 20.72 -29.16
C LEU A 106 9.67 20.24 -28.52
N LEU A 107 9.75 19.15 -27.75
CA LEU A 107 8.62 18.64 -26.97
C LEU A 107 8.89 18.90 -25.48
N TYR A 108 8.01 19.70 -24.86
CA TYR A 108 8.03 19.91 -23.40
C TYR A 108 7.03 18.94 -22.82
N ASN A 109 7.48 18.05 -21.95
CA ASN A 109 6.66 17.14 -21.13
C ASN A 109 6.76 17.65 -19.70
N ILE A 110 5.67 18.23 -19.20
CA ILE A 110 5.74 19.00 -17.96
C ILE A 110 4.65 18.55 -17.01
N TYR A 111 5.03 18.25 -15.76
CA TYR A 111 4.08 17.98 -14.72
C TYR A 111 4.01 19.24 -13.88
N PHE A 112 3.07 20.14 -14.19
CA PHE A 112 2.96 21.40 -13.44
C PHE A 112 2.52 21.13 -11.99
N PRO A 113 2.98 21.98 -11.06
CA PRO A 113 2.61 21.73 -9.65
C PRO A 113 1.13 21.88 -9.25
N ASN A 114 0.75 21.13 -8.25
CA ASN A 114 -0.58 21.26 -7.70
C ASN A 114 -0.54 22.27 -6.56
N GLY A 115 -1.52 23.18 -6.53
CA GLY A 115 -1.48 24.28 -5.56
C GLY A 115 -2.48 24.15 -4.42
N LYS A 116 -3.14 23.00 -4.36
CA LYS A 116 -4.22 22.80 -3.39
C LYS A 116 -3.75 22.72 -1.96
N MET A 117 -2.53 22.24 -1.73
CA MET A 117 -2.16 21.85 -0.37
C MET A 117 -1.87 23.02 0.57
N SER A 118 -1.33 24.10 0.03
CA SER A 118 -0.97 25.30 0.81
C SER A 118 -0.80 26.54 -0.06
N GLU A 119 -0.79 27.71 0.59
CA GLU A 119 -0.45 28.95 -0.10
C GLU A 119 0.98 28.93 -0.63
N GLU A 120 1.89 28.33 0.14
CA GLU A 120 3.26 28.13 -0.27
C GLU A 120 3.28 27.37 -1.61
N ARG A 121 2.48 26.33 -1.71
CA ARG A 121 2.54 25.50 -2.95
C ARG A 121 1.78 26.15 -4.11
N LEU A 122 0.77 26.96 -3.78
CA LEU A 122 0.10 27.75 -4.84
C LEU A 122 1.05 28.78 -5.42
N LYS A 123 1.80 29.48 -4.55
CA LYS A 123 2.84 30.41 -4.98
C LYS A 123 3.92 29.71 -5.80
N TYR A 124 4.34 28.54 -5.36
CA TYR A 124 5.26 27.67 -6.12
C TYR A 124 4.72 27.39 -7.53
N LYS A 125 3.47 26.93 -7.62
CA LYS A 125 2.82 26.63 -8.92
C LYS A 125 2.83 27.86 -9.82
N LEU A 126 2.46 29.00 -9.26
CA LEU A 126 2.36 30.21 -10.07
C LEU A 126 3.74 30.69 -10.53
N GLU A 127 4.76 30.55 -9.67
CA GLU A 127 6.11 30.92 -10.08
C GLU A 127 6.69 29.96 -11.11
N PHE A 128 6.22 28.72 -11.06
CA PHE A 128 6.67 27.63 -11.99
C PHE A 128 6.05 27.96 -13.35
N TYR A 129 4.79 28.38 -13.32
CA TYR A 129 4.13 28.88 -14.55
C TYR A 129 4.97 30.01 -15.17
N ASP A 130 5.34 30.99 -14.34
CA ASP A 130 6.17 32.11 -14.85
C ASP A 130 7.51 31.66 -15.48
N ALA A 131 8.20 30.75 -14.80
CA ALA A 131 9.49 30.26 -15.29
C ALA A 131 9.28 29.46 -16.60
N PHE A 132 8.22 28.62 -16.64
CA PHE A 132 7.90 27.86 -17.83
C PHE A 132 7.69 28.80 -19.04
N LEU A 133 6.91 29.86 -18.85
CA LEU A 133 6.62 30.80 -19.95
C LEU A 133 7.87 31.50 -20.47
N GLU A 134 8.76 31.93 -19.57
CA GLU A 134 10.03 32.49 -20.02
C GLU A 134 10.82 31.50 -20.86
N ASP A 135 10.79 30.22 -20.45
CA ASP A 135 11.57 29.20 -21.13
C ASP A 135 11.06 28.95 -22.53
N VAL A 136 9.78 28.61 -22.61
CA VAL A 136 9.21 28.29 -23.88
C VAL A 136 9.28 29.50 -24.80
N ASN A 137 9.08 30.71 -24.27
CA ASN A 137 9.19 31.89 -25.14
C ASN A 137 10.60 32.09 -25.69
N ARG A 138 11.61 31.79 -24.88
CA ARG A 138 12.99 31.95 -25.35
CA ARG A 138 13.00 31.92 -25.31
C ARG A 138 13.29 31.00 -26.49
N GLU A 139 12.82 29.75 -26.40
CA GLU A 139 13.02 28.73 -27.45
C GLU A 139 12.26 29.07 -28.71
N ARG A 140 10.99 29.39 -28.55
CA ARG A 140 10.12 29.85 -29.66
C ARG A 140 10.73 31.10 -30.34
N ASP A 141 11.11 32.09 -29.54
CA ASP A 141 11.68 33.31 -30.11
C ASP A 141 12.94 33.06 -30.91
N SER A 142 13.67 32.01 -30.54
CA SER A 142 14.91 31.63 -31.20
C SER A 142 14.65 30.93 -32.53
N GLY A 143 13.37 30.67 -32.85
CA GLY A 143 12.99 30.04 -34.12
C GLY A 143 12.51 28.61 -34.05
N ARG A 144 12.25 28.11 -32.85
CA ARG A 144 11.81 26.73 -32.70
C ARG A 144 10.33 26.61 -32.65
N ASN A 145 9.80 25.58 -33.30
CA ASN A 145 8.44 25.19 -33.01
C ASN A 145 8.45 24.35 -31.76
N VAL A 146 7.37 24.47 -31.01
CA VAL A 146 7.26 23.79 -29.72
C VAL A 146 5.90 23.15 -29.53
N ILE A 147 5.94 21.96 -28.91
CA ILE A 147 4.75 21.21 -28.48
C ILE A 147 4.92 21.09 -26.99
N ILE A 148 3.87 21.41 -26.25
CA ILE A 148 3.88 21.34 -24.80
C ILE A 148 2.72 20.41 -24.40
N CYS A 149 3.04 19.35 -23.66
CA CYS A 149 2.01 18.50 -23.09
C CYS A 149 2.23 18.26 -21.62
N GLY A 150 1.14 17.93 -20.93
CA GLY A 150 1.22 17.39 -19.59
C GLY A 150 0.10 17.89 -18.74
N ASN A 151 0.29 17.76 -17.43
CA ASN A 151 -0.75 18.07 -16.49
C ASN A 151 -0.54 19.50 -16.04
N PHE A 152 -1.35 20.44 -16.53
CA PHE A 152 -1.23 21.87 -16.15
C PHE A 152 -1.85 22.11 -14.80
N ASN A 153 -2.64 21.14 -14.31
CA ASN A 153 -3.28 21.30 -12.99
C ASN A 153 -4.26 22.48 -12.88
N THR A 154 -4.77 22.96 -14.03
CA THR A 154 -5.77 24.07 -14.03
C THR A 154 -6.72 23.82 -15.18
N ALA A 155 -8.03 24.00 -14.94
CA ALA A 155 -9.04 23.95 -16.00
C ALA A 155 -9.16 25.38 -16.47
N HIS A 156 -9.06 25.59 -17.79
CA HIS A 156 -8.95 26.94 -18.34
C HIS A 156 -10.25 27.78 -18.18
N ARG A 157 -11.37 27.26 -18.68
CA ARG A 157 -12.62 28.00 -18.76
C ARG A 157 -13.72 27.19 -18.06
N GLU A 158 -14.89 27.80 -17.84
CA GLU A 158 -15.96 27.11 -17.16
C GLU A 158 -16.36 25.82 -17.87
N ILE A 159 -16.23 25.77 -19.19
CA ILE A 159 -16.53 24.55 -19.95
C ILE A 159 -15.58 23.37 -19.62
N ASP A 160 -14.45 23.71 -19.00
CA ASP A 160 -13.39 22.73 -18.71
C ASP A 160 -13.53 22.02 -17.37
N LEU A 161 -14.60 22.28 -16.63
CA LEU A 161 -14.89 21.42 -15.48
C LEU A 161 -16.42 21.33 -15.21
N ALA A 162 -16.84 20.27 -14.54
CA ALA A 162 -18.28 20.00 -14.33
C ALA A 162 -18.89 21.01 -13.33
N ARG A 163 -18.09 21.50 -12.39
CA ARG A 163 -18.57 22.38 -11.30
C ARG A 163 -17.79 23.69 -11.15
N PRO A 164 -17.85 24.57 -12.16
CA PRO A 164 -17.07 25.83 -12.14
C PRO A 164 -17.36 26.77 -10.96
N LYS A 165 -18.63 26.91 -10.58
CA LYS A 165 -19.03 27.81 -9.50
C LYS A 165 -18.45 27.43 -8.14
N GLU A 166 -18.60 26.16 -7.75
CA GLU A 166 -18.13 25.71 -6.43
C GLU A 166 -16.63 25.60 -6.32
N ASN A 167 -15.93 25.73 -7.45
CA ASN A 167 -14.47 25.70 -7.45
C ASN A 167 -13.81 27.06 -7.72
N SER A 168 -14.58 28.13 -7.61
CA SER A 168 -14.08 29.48 -7.89
C SER A 168 -12.94 29.88 -6.96
N ASN A 169 -12.90 29.28 -5.78
CA ASN A 169 -11.85 29.55 -4.81
C ASN A 169 -11.05 28.30 -4.45
N VAL A 170 -10.96 27.37 -5.40
CA VAL A 170 -10.19 26.14 -5.24
C VAL A 170 -9.03 26.19 -6.24
N SER A 171 -7.79 25.94 -5.79
CA SER A 171 -6.65 25.85 -6.72
C SER A 171 -6.97 24.80 -7.75
N GLY A 172 -6.72 25.13 -9.01
CA GLY A 172 -7.23 24.34 -10.11
C GLY A 172 -8.21 25.15 -10.93
N PHE A 173 -8.93 26.08 -10.27
CA PHE A 173 -9.85 26.97 -11.00
C PHE A 173 -9.88 28.42 -10.46
N LEU A 174 -8.81 28.86 -9.80
CA LEU A 174 -8.70 30.24 -9.31
C LEU A 174 -8.59 31.22 -10.47
N PRO A 175 -9.21 32.40 -10.35
CA PRO A 175 -8.98 33.47 -11.32
C PRO A 175 -7.50 33.66 -11.68
N VAL A 176 -6.59 33.57 -10.72
CA VAL A 176 -5.19 33.88 -11.02
C VAL A 176 -4.60 32.81 -11.97
N GLU A 177 -5.02 31.56 -11.77
CA GLU A 177 -4.52 30.41 -12.57
C GLU A 177 -5.11 30.45 -13.97
N ARG A 178 -6.42 30.68 -14.04
CA ARG A 178 -7.15 30.83 -15.32
C ARG A 178 -6.55 31.96 -16.15
N ALA A 179 -6.22 33.08 -15.47
CA ALA A 179 -5.62 34.24 -16.12
C ALA A 179 -4.24 33.94 -16.69
N TRP A 180 -3.46 33.12 -15.98
CA TRP A 180 -2.17 32.72 -16.50
C TRP A 180 -2.35 31.93 -17.79
N ILE A 181 -3.29 30.99 -17.84
CA ILE A 181 -3.49 30.27 -19.12
C ILE A 181 -3.90 31.25 -20.23
N ASP A 182 -4.75 32.24 -19.91
CA ASP A 182 -5.15 33.25 -20.88
C ASP A 182 -3.92 33.95 -21.41
N LYS A 183 -3.01 34.30 -20.50
CA LYS A 183 -1.77 35.01 -20.86
C LYS A 183 -0.83 34.18 -21.73
N PHE A 184 -0.61 32.93 -21.32
CA PHE A 184 0.17 31.94 -22.12
C PHE A 184 -0.36 31.90 -23.58
N ILE A 185 -1.67 31.75 -23.74
CA ILE A 185 -2.30 31.77 -25.08
C ILE A 185 -2.01 33.06 -25.84
N GLU A 186 -2.11 34.21 -25.16
CA GLU A 186 -1.86 35.50 -25.82
C GLU A 186 -0.39 35.71 -26.20
N ASN A 187 0.50 34.92 -25.59
CA ASN A 187 1.91 34.89 -25.98
C ASN A 187 2.13 34.13 -27.27
N GLY A 188 1.05 33.59 -27.86
CA GLY A 188 1.13 33.00 -29.21
C GLY A 188 1.05 31.48 -29.28
N TYR A 189 0.21 30.90 -28.42
CA TYR A 189 0.08 29.47 -28.26
C TYR A 189 -1.37 29.05 -28.31
N VAL A 190 -1.59 27.81 -28.71
CA VAL A 190 -2.95 27.31 -29.00
C VAL A 190 -3.23 25.98 -28.25
N ASP A 191 -4.38 25.93 -27.60
CA ASP A 191 -4.88 24.81 -26.83
C ASP A 191 -5.42 23.90 -27.93
N THR A 192 -4.70 22.83 -28.26
CA THR A 192 -5.05 22.07 -29.49
C THR A 192 -6.38 21.37 -29.43
N PHE A 193 -6.75 20.83 -28.27
CA PHE A 193 -8.03 20.15 -28.13
C PHE A 193 -9.18 21.05 -28.65
N ARG A 194 -9.16 22.31 -28.29
CA ARG A 194 -10.23 23.24 -28.68
C ARG A 194 -10.13 23.73 -30.14
N MET A 195 -9.11 23.28 -30.87
CA MET A 195 -9.09 23.52 -32.31
C MET A 195 -10.12 22.62 -32.98
N PHE A 196 -10.48 21.51 -32.33
CA PHE A 196 -11.32 20.48 -32.96
C PHE A 196 -12.59 20.16 -32.19
N ASN A 197 -12.61 20.46 -30.89
CA ASN A 197 -13.73 20.05 -30.05
C ASN A 197 -14.17 21.24 -29.18
N SER A 198 -15.42 21.66 -29.35
CA SER A 198 -15.94 22.78 -28.56
C SER A 198 -17.03 22.34 -27.56
N ASP A 199 -17.12 21.04 -27.30
CA ASP A 199 -18.15 20.48 -26.42
C ASP A 199 -17.84 20.59 -24.94
N PRO A 200 -18.89 20.64 -24.12
CA PRO A 200 -18.78 20.46 -22.68
C PRO A 200 -18.58 18.98 -22.35
N GLY A 201 -18.26 18.67 -21.10
CA GLY A 201 -18.18 17.27 -20.65
C GLY A 201 -16.91 16.55 -21.04
N GLN A 202 -15.95 17.27 -21.61
CA GLN A 202 -14.65 16.71 -22.02
C GLN A 202 -13.60 16.94 -20.94
N TYR A 203 -13.29 15.90 -20.21
CA TYR A 203 -12.43 16.03 -19.02
C TYR A 203 -11.32 15.01 -19.07
N THR A 204 -10.28 15.22 -18.26
CA THR A 204 -9.11 14.32 -18.27
C THR A 204 -8.77 13.84 -16.86
N TRP A 205 -9.41 14.39 -15.83
CA TRP A 205 -9.18 14.01 -14.44
C TRP A 205 -10.50 13.99 -13.67
N TRP A 206 -10.61 13.02 -12.78
CA TRP A 206 -11.77 12.91 -11.90
C TRP A 206 -11.28 12.40 -10.56
N SER A 207 -11.89 12.92 -9.51
CA SER A 207 -11.46 12.54 -8.17
C SER A 207 -11.83 11.07 -7.91
N TYR A 208 -10.88 10.35 -7.34
CA TYR A 208 -11.10 8.97 -6.92
C TYR A 208 -12.10 8.96 -5.76
N ARG A 209 -11.99 9.95 -4.88
CA ARG A 209 -12.61 9.93 -3.55
C ARG A 209 -14.11 9.88 -3.59
N THR A 210 -14.72 10.38 -4.67
CA THR A 210 -16.19 10.52 -4.75
C THR A 210 -16.77 9.66 -5.87
N ARG A 211 -15.91 8.80 -6.43
CA ARG A 211 -16.25 8.04 -7.63
C ARG A 211 -16.82 8.96 -8.72
N ALA A 212 -16.14 10.08 -8.90
CA ALA A 212 -16.54 11.10 -9.84
C ALA A 212 -16.52 10.63 -11.31
N ARG A 213 -15.62 9.72 -11.65
CA ARG A 213 -15.44 9.38 -13.07
C ARG A 213 -16.69 8.76 -13.65
N GLU A 214 -17.30 7.84 -12.89
CA GLU A 214 -18.55 7.20 -13.35
C GLU A 214 -19.73 8.16 -13.58
N ARG A 215 -19.75 9.27 -12.85
CA ARG A 215 -20.70 10.35 -13.10
C ARG A 215 -20.16 11.48 -14.02
N ASN A 216 -18.91 11.33 -14.45
CA ASN A 216 -18.24 12.31 -15.31
C ASN A 216 -18.18 13.68 -14.66
N VAL A 217 -17.96 13.71 -13.36
CA VAL A 217 -17.78 14.98 -12.68
C VAL A 217 -16.25 15.24 -12.69
N GLY A 218 -15.82 15.85 -13.79
CA GLY A 218 -14.40 15.95 -14.13
C GLY A 218 -13.89 17.36 -14.37
N TRP A 219 -12.59 17.43 -14.63
CA TRP A 219 -11.90 18.64 -14.99
C TRP A 219 -10.96 18.31 -16.14
N ARG A 220 -10.84 19.24 -17.09
CA ARG A 220 -9.76 19.09 -18.11
C ARG A 220 -8.50 19.76 -17.60
N LEU A 221 -7.54 18.94 -17.13
CA LEU A 221 -6.26 19.43 -16.57
C LEU A 221 -5.06 19.15 -17.45
N ASP A 222 -5.25 18.31 -18.47
CA ASP A 222 -4.12 17.82 -19.25
C ASP A 222 -4.32 18.39 -20.62
N TYR A 223 -3.25 18.94 -21.19
CA TYR A 223 -3.37 19.66 -22.45
C TYR A 223 -2.23 19.36 -23.42
N PHE A 224 -2.46 19.64 -24.70
CA PHE A 224 -1.38 19.75 -25.65
C PHE A 224 -1.48 21.16 -26.25
N PHE A 225 -0.42 21.94 -26.12
CA PHE A 225 -0.35 23.26 -26.76
C PHE A 225 0.75 23.25 -27.82
N VAL A 226 0.57 24.04 -28.90
CA VAL A 226 1.63 24.31 -29.89
C VAL A 226 1.78 25.83 -30.06
N ASN A 227 2.97 26.31 -30.44
CA ASN A 227 3.05 27.70 -30.91
C ASN A 227 2.17 27.86 -32.15
N GLU A 228 1.56 29.04 -32.29
CA GLU A 228 0.52 29.25 -33.33
C GLU A 228 1.06 29.00 -34.73
N GLU A 229 2.34 29.29 -34.96
CA GLU A 229 2.93 29.08 -36.30
C GLU A 229 2.94 27.61 -36.72
N PHE A 230 2.85 26.70 -35.74
CA PHE A 230 2.89 25.24 -35.99
C PHE A 230 1.49 24.59 -36.07
N LYS A 231 0.42 25.35 -35.86
CA LYS A 231 -0.89 24.73 -35.66
CA LYS A 231 -0.92 24.76 -35.67
C LYS A 231 -1.45 24.04 -36.93
N GLY A 232 -1.04 24.49 -38.11
CA GLY A 232 -1.49 23.85 -39.35
C GLY A 232 -0.97 22.42 -39.52
N LYS A 233 0.04 22.07 -38.72
CA LYS A 233 0.60 20.71 -38.69
C LYS A 233 -0.18 19.77 -37.77
N VAL A 234 -1.08 20.34 -36.97
CA VAL A 234 -1.87 19.53 -36.01
C VAL A 234 -3.06 18.91 -36.73
N LYS A 235 -3.10 17.58 -36.82
CA LYS A 235 -4.23 16.90 -37.48
C LYS A 235 -5.34 16.48 -36.53
N ARG A 236 -4.98 16.14 -35.29
CA ARG A 236 -6.02 15.87 -34.32
C ARG A 236 -5.50 15.95 -32.91
N SER A 237 -6.41 16.20 -31.97
CA SER A 237 -6.10 16.34 -30.56
C SER A 237 -7.31 15.84 -29.80
N TRP A 238 -7.13 14.78 -29.01
CA TRP A 238 -8.30 14.07 -28.46
C TRP A 238 -8.01 13.54 -27.07
N ILE A 239 -9.06 13.07 -26.42
CA ILE A 239 -8.99 12.57 -25.04
C ILE A 239 -9.29 11.08 -25.11
N LEU A 240 -8.42 10.28 -24.48
CA LEU A 240 -8.57 8.81 -24.46
C LEU A 240 -9.32 8.44 -23.21
N SER A 241 -10.60 8.86 -23.15
CA SER A 241 -11.35 8.76 -21.92
C SER A 241 -11.74 7.36 -21.48
N ASP A 242 -11.61 6.36 -22.35
CA ASP A 242 -11.92 4.99 -21.93
C ASP A 242 -10.75 4.28 -21.28
N VAL A 243 -9.58 4.93 -21.25
CA VAL A 243 -8.39 4.24 -20.78
C VAL A 243 -8.29 4.44 -19.28
N MET A 244 -8.39 3.34 -18.55
CA MET A 244 -8.45 3.37 -17.06
C MET A 244 -7.09 3.17 -16.48
N GLY A 245 -7.00 3.19 -15.14
CA GLY A 245 -5.76 2.87 -14.44
C GLY A 245 -5.18 4.00 -13.60
N SER A 246 -5.67 5.22 -13.81
CA SER A 246 -5.20 6.40 -13.09
C SER A 246 -6.43 7.28 -12.85
N ASP A 247 -6.31 8.33 -12.05
CA ASP A 247 -7.37 9.33 -11.94
C ASP A 247 -7.36 10.33 -13.10
N HIS A 248 -6.29 10.33 -13.91
CA HIS A 248 -6.32 11.01 -15.19
C HIS A 248 -6.46 9.98 -16.31
N CYS A 249 -6.99 10.39 -17.45
CA CYS A 249 -6.92 9.56 -18.65
C CYS A 249 -5.88 10.15 -19.60
N PRO A 250 -5.40 9.36 -20.57
CA PRO A 250 -4.45 9.90 -21.53
C PRO A 250 -5.06 10.90 -22.49
N ILE A 251 -4.20 11.70 -23.09
CA ILE A 251 -4.59 12.56 -24.20
C ILE A 251 -3.71 12.33 -25.42
N GLY A 252 -4.22 12.70 -26.59
CA GLY A 252 -3.48 12.41 -27.82
C GLY A 252 -3.29 13.59 -28.76
N LEU A 253 -2.22 13.56 -29.53
CA LEU A 253 -1.99 14.56 -30.56
C LEU A 253 -1.47 13.80 -31.79
N GLU A 254 -1.98 14.13 -32.97
CA GLU A 254 -1.33 13.70 -34.21
C GLU A 254 -0.90 14.92 -35.00
N ILE A 255 0.32 14.82 -35.52
CA ILE A 255 0.92 15.88 -36.33
C ILE A 255 1.41 15.30 -37.63
N GLU A 256 1.38 16.11 -38.68
CA GLU A 256 1.93 15.70 -39.97
C GLU A 256 3.05 16.63 -40.31
N LEU A 257 4.23 16.08 -40.48
CA LEU A 257 5.36 16.84 -40.99
C LEU A 257 5.55 16.54 -42.50
N LEU A 258 6.33 17.42 -43.14
CA LEU A 258 6.63 17.39 -44.59
C LEU A 258 5.37 17.51 -45.43
N VAL B 3 -18.86 -28.12 27.13
CA VAL B 3 -17.60 -27.79 26.40
C VAL B 3 -17.54 -26.31 25.99
N LEU B 4 -16.39 -25.67 26.19
CA LEU B 4 -16.18 -24.29 25.80
C LEU B 4 -15.18 -24.26 24.62
N LYS B 5 -15.53 -23.59 23.52
CA LYS B 5 -14.64 -23.48 22.33
C LYS B 5 -13.89 -22.18 22.36
N ILE B 6 -12.57 -22.27 22.22
CA ILE B 6 -11.69 -21.10 22.21
C ILE B 6 -10.95 -21.15 20.88
N ILE B 7 -10.93 -20.02 20.18
CA ILE B 7 -10.18 -19.93 18.93
C ILE B 7 -9.10 -18.87 19.10
N SER B 8 -7.92 -19.14 18.55
CA SER B 8 -6.80 -18.16 18.55
C SER B 8 -6.42 -17.87 17.12
N TRP B 9 -6.23 -16.59 16.78
CA TRP B 9 -5.86 -16.26 15.44
C TRP B 9 -4.99 -15.01 15.38
N ASN B 10 -3.82 -15.16 14.80
CA ASN B 10 -2.94 -14.02 14.47
C ASN B 10 -3.43 -13.45 13.13
N VAL B 11 -4.26 -12.43 13.21
CA VAL B 11 -5.01 -11.94 12.04
C VAL B 11 -4.16 -11.02 11.14
N ASN B 12 -3.02 -10.57 11.64
CA ASN B 12 -2.09 -9.71 10.82
C ASN B 12 -2.86 -8.49 10.29
N GLY B 13 -3.49 -7.75 11.18
CA GLY B 13 -4.31 -6.63 10.80
C GLY B 13 -5.81 -6.89 10.95
N LEU B 14 -6.40 -6.45 12.06
CA LEU B 14 -7.85 -6.65 12.30
C LEU B 14 -8.70 -5.88 11.30
N ARG B 15 -8.30 -4.63 10.98
CA ARG B 15 -9.01 -3.91 9.91
C ARG B 15 -8.95 -4.68 8.60
N ALA B 16 -7.79 -5.25 8.27
CA ALA B 16 -7.62 -6.03 7.03
C ALA B 16 -8.53 -7.26 7.00
N VAL B 17 -8.54 -8.06 8.07
CA VAL B 17 -9.42 -9.23 8.01
C VAL B 17 -10.89 -8.87 7.96
N HIS B 18 -11.24 -7.77 8.60
CA HIS B 18 -12.60 -7.21 8.59
C HIS B 18 -13.01 -6.96 7.13
N ARG B 19 -12.12 -6.37 6.34
CA ARG B 19 -12.43 -6.09 4.92
C ARG B 19 -12.63 -7.37 4.15
N LYS B 20 -12.02 -8.45 4.64
CA LYS B 20 -12.05 -9.74 3.95
C LYS B 20 -13.19 -10.65 4.40
N GLY B 21 -13.97 -10.22 5.38
CA GLY B 21 -15.09 -11.05 5.86
C GLY B 21 -14.88 -11.72 7.21
N PHE B 22 -14.02 -11.13 8.05
CA PHE B 22 -13.85 -11.58 9.43
C PHE B 22 -15.18 -11.83 10.18
N LEU B 23 -16.10 -10.88 10.12
CA LEU B 23 -17.34 -11.00 10.88
C LEU B 23 -18.23 -12.13 10.37
N LYS B 24 -18.23 -12.37 9.06
CA LYS B 24 -18.97 -13.50 8.50
C LYS B 24 -18.42 -14.81 9.10
N TRP B 25 -17.09 -14.97 9.03
CA TRP B 25 -16.41 -16.13 9.60
C TRP B 25 -16.68 -16.29 11.09
N PHE B 26 -16.55 -15.18 11.81
CA PHE B 26 -16.78 -15.15 13.25
C PHE B 26 -18.20 -15.65 13.59
N MET B 27 -19.20 -15.12 12.89
CA MET B 27 -20.57 -15.56 13.16
C MET B 27 -20.90 -17.01 12.72
N GLU B 28 -20.15 -17.56 11.76
CA GLU B 28 -20.32 -18.97 11.40
C GLU B 28 -19.66 -19.92 12.43
N GLU B 29 -18.47 -19.55 12.89
CA GLU B 29 -17.66 -20.38 13.77
C GLU B 29 -18.15 -20.43 15.22
N LYS B 30 -18.74 -19.31 15.67
CA LYS B 30 -19.40 -19.20 16.98
C LYS B 30 -18.53 -19.65 18.17
N PRO B 31 -17.30 -19.10 18.30
CA PRO B 31 -16.52 -19.54 19.45
C PRO B 31 -17.04 -18.95 20.72
N ASP B 32 -16.84 -19.63 21.84
CA ASP B 32 -17.15 -19.02 23.12
C ASP B 32 -16.18 -17.91 23.47
N ILE B 33 -14.91 -18.11 23.12
CA ILE B 33 -13.89 -17.11 23.35
C ILE B 33 -13.02 -17.08 22.10
N LEU B 34 -12.73 -15.85 21.65
CA LEU B 34 -11.88 -15.63 20.49
C LEU B 34 -10.71 -14.73 20.90
N CYS B 35 -9.48 -15.22 20.71
CA CYS B 35 -8.27 -14.47 21.01
C CYS B 35 -7.61 -14.10 19.72
N LEU B 36 -7.25 -12.83 19.58
CA LEU B 36 -6.59 -12.36 18.35
C LEU B 36 -5.26 -11.76 18.67
N GLN B 37 -4.29 -11.98 17.79
CA GLN B 37 -2.96 -11.37 17.92
C GLN B 37 -2.60 -10.56 16.69
N GLU B 38 -1.76 -9.53 16.87
CA GLU B 38 -1.29 -8.68 15.77
C GLU B 38 -2.47 -7.99 15.07
N ILE B 39 -3.24 -7.27 15.88
CA ILE B 39 -4.42 -6.49 15.44
CA ILE B 39 -4.41 -6.55 15.35
C ILE B 39 -4.04 -5.26 14.62
N LYS B 40 -2.87 -4.69 14.94
CA LYS B 40 -2.34 -3.46 14.33
C LYS B 40 -3.34 -2.32 14.40
N ALA B 41 -3.96 -2.15 15.56
CA ALA B 41 -5.00 -1.13 15.77
C ALA B 41 -5.28 -0.88 17.25
N ALA B 42 -5.66 0.36 17.57
CA ALA B 42 -6.27 0.69 18.85
C ALA B 42 -7.77 0.83 18.66
N PRO B 43 -8.59 0.64 19.73
CA PRO B 43 -10.04 0.52 19.55
C PRO B 43 -10.67 1.70 18.79
N GLU B 44 -10.10 2.88 18.95
CA GLU B 44 -10.65 4.07 18.31
C GLU B 44 -10.41 4.15 16.80
N GLN B 45 -9.67 3.19 16.24
CA GLN B 45 -9.46 3.09 14.79
C GLN B 45 -10.34 1.99 14.21
N LEU B 46 -11.07 1.30 15.07
CA LEU B 46 -11.91 0.19 14.62
C LEU B 46 -13.35 0.61 14.31
N PRO B 47 -13.94 0.07 13.23
CA PRO B 47 -15.35 0.31 13.00
C PRO B 47 -16.17 -0.16 14.20
N ARG B 48 -17.35 0.42 14.37
CA ARG B 48 -18.29 0.03 15.43
C ARG B 48 -18.67 -1.44 15.34
N LYS B 49 -18.89 -1.93 14.13
CA LYS B 49 -19.27 -3.34 13.99
C LYS B 49 -18.14 -4.30 14.35
N LEU B 50 -16.93 -3.77 14.54
CA LEU B 50 -15.82 -4.59 14.97
C LEU B 50 -15.66 -4.53 16.50
N ARG B 51 -15.96 -3.38 17.10
CA ARG B 51 -15.90 -3.21 18.53
C ARG B 51 -17.13 -3.75 19.27
N HIS B 52 -18.26 -3.80 18.56
CA HIS B 52 -19.53 -4.25 19.18
C HIS B 52 -20.08 -5.43 18.40
N VAL B 53 -19.74 -6.64 18.82
CA VAL B 53 -20.18 -7.83 18.11
C VAL B 53 -21.27 -8.44 18.96
N GLU B 54 -22.40 -8.76 18.33
CA GLU B 54 -23.56 -9.32 19.04
C GLU B 54 -23.25 -10.56 19.87
N GLY B 55 -23.54 -10.46 21.17
CA GLY B 55 -23.35 -11.57 22.11
C GLY B 55 -21.96 -11.76 22.71
N TYR B 56 -21.05 -10.83 22.40
CA TYR B 56 -19.70 -10.86 22.92
C TYR B 56 -19.29 -9.57 23.59
N ARG B 57 -18.57 -9.69 24.71
CA ARG B 57 -17.83 -8.57 25.27
C ARG B 57 -16.47 -8.53 24.59
N SER B 58 -15.99 -7.34 24.23
CA SER B 58 -14.69 -7.23 23.57
C SER B 58 -13.66 -6.49 24.43
N PHE B 59 -12.38 -6.85 24.28
CA PHE B 59 -11.29 -6.27 25.03
C PHE B 59 -10.15 -6.06 24.06
N PHE B 60 -9.66 -4.83 23.99
CA PHE B 60 -8.56 -4.49 23.10
C PHE B 60 -7.36 -3.99 23.90
N THR B 61 -6.19 -4.55 23.60
CA THR B 61 -4.95 -4.19 24.30
C THR B 61 -3.92 -3.81 23.24
N PRO B 62 -3.93 -2.53 22.83
CA PRO B 62 -3.05 -2.07 21.78
C PRO B 62 -1.62 -1.80 22.25
N ALA B 63 -0.70 -1.74 21.31
CA ALA B 63 0.64 -1.28 21.60
C ALA B 63 0.60 0.24 21.80
N GLU B 64 1.64 0.78 22.42
CA GLU B 64 1.80 2.25 22.46
C GLU B 64 2.06 2.79 21.05
N ARG B 65 2.81 2.04 20.24
CA ARG B 65 3.10 2.47 18.89
C ARG B 65 1.87 2.24 17.99
N LYS B 66 1.44 3.32 17.34
CA LYS B 66 0.31 3.29 16.41
C LYS B 66 0.46 2.25 15.27
N GLY B 67 -0.58 1.44 15.09
CA GLY B 67 -0.62 0.46 13.98
C GLY B 67 0.33 -0.72 14.11
N TYR B 68 0.84 -0.94 15.32
CA TYR B 68 1.82 -2.00 15.58
C TYR B 68 1.28 -2.98 16.61
N SER B 69 1.54 -4.27 16.38
CA SER B 69 1.22 -5.33 17.33
C SER B 69 -0.26 -5.26 17.81
N GLY B 70 -0.53 -5.52 19.09
CA GLY B 70 -1.87 -5.39 19.61
C GLY B 70 -2.53 -6.77 19.68
N VAL B 71 -3.29 -6.99 20.73
CA VAL B 71 -4.07 -8.20 20.91
C VAL B 71 -5.50 -7.85 21.27
N ALA B 72 -6.41 -8.78 21.06
CA ALA B 72 -7.83 -8.56 21.38
C ALA B 72 -8.45 -9.89 21.86
N MET B 73 -9.52 -9.77 22.62
CA MET B 73 -10.32 -10.91 23.05
C MET B 73 -11.81 -10.56 22.99
N TYR B 74 -12.59 -11.46 22.40
CA TYR B 74 -14.04 -11.38 22.43
C TYR B 74 -14.53 -12.59 23.21
N THR B 75 -15.53 -12.40 24.07
CA THR B 75 -16.00 -13.50 24.88
C THR B 75 -17.48 -13.44 25.20
N LYS B 76 -18.16 -14.59 25.11
CA LYS B 76 -19.59 -14.67 25.45
C LYS B 76 -19.86 -14.49 26.95
N VAL B 77 -19.00 -15.04 27.81
CA VAL B 77 -19.08 -14.74 29.24
C VAL B 77 -17.88 -13.88 29.64
N PRO B 78 -18.13 -12.76 30.36
CA PRO B 78 -16.95 -11.92 30.64
C PRO B 78 -16.07 -12.51 31.74
N PRO B 79 -14.79 -12.14 31.78
CA PRO B 79 -13.94 -12.65 32.86
C PRO B 79 -14.17 -11.86 34.13
N SER B 80 -13.78 -12.43 35.27
CA SER B 80 -13.82 -11.67 36.54
C SER B 80 -12.68 -10.67 36.64
N SER B 81 -11.63 -10.86 35.82
CA SER B 81 -10.56 -9.88 35.70
C SER B 81 -9.77 -10.02 34.39
N LEU B 82 -9.15 -8.93 33.95
CA LEU B 82 -8.22 -8.98 32.83
C LEU B 82 -6.98 -8.13 33.08
N ARG B 83 -5.83 -8.80 33.09
CA ARG B 83 -4.55 -8.16 33.33
C ARG B 83 -3.80 -8.04 32.00
N GLU B 84 -3.12 -6.92 31.80
CA GLU B 84 -2.55 -6.61 30.47
C GLU B 84 -1.02 -6.56 30.45
N GLY B 85 -0.39 -7.24 31.39
CA GLY B 85 1.06 -7.32 31.38
C GLY B 85 1.59 -8.21 32.48
N PHE B 86 2.91 -8.34 32.49
CA PHE B 86 3.64 -9.14 33.48
C PHE B 86 4.09 -8.30 34.68
N GLY B 87 3.99 -6.98 34.56
CA GLY B 87 4.49 -6.10 35.62
C GLY B 87 5.89 -5.60 35.29
N VAL B 88 6.27 -5.76 34.03
CA VAL B 88 7.55 -5.29 33.50
C VAL B 88 7.27 -4.35 32.33
N GLU B 89 7.61 -3.06 32.49
CA GLU B 89 7.30 -2.01 31.50
C GLU B 89 7.62 -2.37 30.04
N ARG B 90 8.85 -2.80 29.78
CA ARG B 90 9.29 -3.06 28.41
C ARG B 90 8.48 -4.16 27.70
N PHE B 91 7.85 -5.04 28.49
CA PHE B 91 7.08 -6.16 27.93
C PHE B 91 5.61 -5.87 27.88
N ASP B 92 5.21 -4.81 28.58
CA ASP B 92 3.81 -4.55 28.84
C ASP B 92 3.22 -3.44 27.98
N THR B 93 4.06 -2.84 27.14
CA THR B 93 3.69 -1.67 26.35
C THR B 93 3.68 -1.98 24.85
N GLU B 94 3.83 -3.25 24.48
CA GLU B 94 3.81 -3.61 23.05
C GLU B 94 2.50 -4.25 22.61
N GLY B 95 1.50 -4.19 23.46
CA GLY B 95 0.20 -4.76 23.13
C GLY B 95 0.30 -6.25 22.87
N ARG B 96 1.05 -6.96 23.73
CA ARG B 96 1.30 -8.41 23.53
C ARG B 96 0.56 -9.38 24.49
N ILE B 97 -0.04 -8.83 25.53
CA ILE B 97 -0.50 -9.62 26.69
C ILE B 97 -1.91 -9.30 27.17
N GLN B 98 -2.75 -10.33 27.14
CA GLN B 98 -3.99 -10.36 27.89
C GLN B 98 -4.05 -11.64 28.74
N ILE B 99 -4.42 -11.47 30.01
CA ILE B 99 -4.54 -12.59 30.95
C ILE B 99 -5.89 -12.45 31.61
N ALA B 100 -6.84 -13.25 31.14
CA ALA B 100 -8.24 -13.13 31.54
C ALA B 100 -8.62 -14.24 32.51
N ASP B 101 -9.26 -13.86 33.61
CA ASP B 101 -9.66 -14.83 34.61
C ASP B 101 -11.07 -15.32 34.40
N PHE B 102 -11.19 -16.57 33.97
CA PHE B 102 -12.50 -17.18 33.80
C PHE B 102 -12.88 -18.14 34.95
N ASP B 103 -12.27 -17.96 36.12
CA ASP B 103 -12.52 -18.82 37.31
C ASP B 103 -12.02 -20.26 37.19
N ASP B 104 -12.61 -21.05 36.29
CA ASP B 104 -12.15 -22.40 36.05
C ASP B 104 -10.68 -22.39 35.58
N PHE B 105 -10.31 -21.30 34.93
CA PHE B 105 -8.96 -21.15 34.39
C PHE B 105 -8.59 -19.68 34.11
N LEU B 106 -7.29 -19.44 33.98
CA LEU B 106 -6.80 -18.19 33.46
C LEU B 106 -6.44 -18.41 32.01
N LEU B 107 -6.87 -17.48 31.17
CA LEU B 107 -6.56 -17.53 29.75
C LEU B 107 -5.50 -16.48 29.41
N TYR B 108 -4.32 -16.96 29.02
CA TYR B 108 -3.24 -16.14 28.52
C TYR B 108 -3.36 -16.03 26.99
N ASN B 109 -3.61 -14.82 26.51
CA ASN B 109 -3.64 -14.55 25.06
C ASN B 109 -2.38 -13.78 24.77
N ILE B 110 -1.41 -14.41 24.12
CA ILE B 110 -0.06 -13.79 24.02
C ILE B 110 0.47 -13.72 22.59
N TYR B 111 0.96 -12.55 22.22
CA TYR B 111 1.57 -12.37 20.94
C TYR B 111 3.07 -12.29 21.22
N PHE B 112 3.75 -13.44 21.07
CA PHE B 112 5.18 -13.48 21.44
C PHE B 112 5.99 -12.71 20.39
N PRO B 113 7.11 -12.04 20.80
CA PRO B 113 7.91 -11.26 19.86
C PRO B 113 8.53 -12.09 18.75
N ASN B 114 8.65 -11.49 17.56
CA ASN B 114 9.42 -12.00 16.47
C ASN B 114 10.89 -11.57 16.60
N GLY B 115 11.80 -12.51 16.34
CA GLY B 115 13.23 -12.25 16.49
C GLY B 115 14.02 -12.15 15.19
N LYS B 116 13.33 -12.04 14.07
CA LYS B 116 13.98 -12.07 12.76
C LYS B 116 14.72 -10.78 12.41
N MET B 117 14.21 -9.64 12.86
CA MET B 117 14.68 -8.37 12.31
C MET B 117 16.09 -8.01 12.79
N SER B 118 16.41 -8.39 14.03
CA SER B 118 17.66 -7.97 14.65
C SER B 118 18.04 -8.84 15.85
N GLU B 119 19.31 -8.76 16.24
CA GLU B 119 19.83 -9.45 17.42
C GLU B 119 19.17 -8.93 18.68
N GLU B 120 18.93 -7.61 18.75
CA GLU B 120 18.28 -7.00 19.92
C GLU B 120 16.87 -7.53 20.12
N ARG B 121 16.18 -7.76 19.00
CA ARG B 121 14.80 -8.24 18.97
C ARG B 121 14.72 -9.74 19.26
N LEU B 122 15.70 -10.51 18.79
CA LEU B 122 15.88 -11.89 19.29
C LEU B 122 16.06 -11.93 20.82
N LYS B 123 16.86 -11.01 21.37
CA LYS B 123 17.15 -10.94 22.81
C LYS B 123 15.90 -10.54 23.59
N TYR B 124 15.15 -9.58 23.03
CA TYR B 124 13.85 -9.15 23.58
C TYR B 124 12.87 -10.36 23.60
N LYS B 125 12.84 -11.09 22.50
CA LYS B 125 11.98 -12.31 22.37
C LYS B 125 12.30 -13.35 23.46
N LEU B 126 13.57 -13.66 23.64
CA LEU B 126 13.99 -14.65 24.64
C LEU B 126 13.73 -14.18 26.08
N GLU B 127 13.95 -12.89 26.36
CA GLU B 127 13.63 -12.34 27.68
C GLU B 127 12.12 -12.28 27.94
N PHE B 128 11.33 -12.04 26.88
CA PHE B 128 9.87 -12.06 26.97
C PHE B 128 9.42 -13.47 27.39
N TYR B 129 9.98 -14.47 26.71
CA TYR B 129 9.76 -15.90 26.97
C TYR B 129 9.96 -16.20 28.46
N ASP B 130 11.04 -15.64 29.02
CA ASP B 130 11.40 -15.85 30.43
C ASP B 130 10.47 -15.15 31.39
N ALA B 131 10.08 -13.93 31.03
CA ALA B 131 9.14 -13.16 31.80
C ALA B 131 7.79 -13.87 31.80
N PHE B 132 7.37 -14.36 30.63
CA PHE B 132 6.14 -15.14 30.51
C PHE B 132 6.13 -16.38 31.41
N LEU B 133 7.23 -17.12 31.38
CA LEU B 133 7.31 -18.36 32.13
C LEU B 133 7.26 -18.08 33.64
N GLU B 134 7.91 -17.01 34.10
CA GLU B 134 7.86 -16.65 35.52
C GLU B 134 6.42 -16.35 35.96
N ASP B 135 5.68 -15.58 35.15
CA ASP B 135 4.31 -15.22 35.48
C ASP B 135 3.40 -16.43 35.52
N VAL B 136 3.44 -17.24 34.47
CA VAL B 136 2.53 -18.37 34.40
C VAL B 136 2.78 -19.36 35.55
N ASN B 137 4.04 -19.64 35.80
CA ASN B 137 4.44 -20.51 36.93
C ASN B 137 3.95 -20.00 38.29
N ARG B 138 4.03 -18.69 38.51
CA ARG B 138 3.52 -18.07 39.74
C ARG B 138 2.04 -18.43 39.94
N GLU B 139 1.26 -18.30 38.88
CA GLU B 139 -0.17 -18.63 38.90
C GLU B 139 -0.47 -20.11 39.06
N ARG B 140 0.18 -20.93 38.25
CA ARG B 140 0.01 -22.37 38.30
C ARG B 140 0.32 -22.90 39.71
N ASP B 141 1.39 -22.38 40.29
CA ASP B 141 1.87 -22.81 41.62
C ASP B 141 0.86 -22.47 42.71
N SER B 142 0.16 -21.36 42.53
CA SER B 142 -0.89 -20.94 43.42
C SER B 142 -2.13 -21.84 43.33
N GLY B 143 -2.17 -22.72 42.34
CA GLY B 143 -3.24 -23.69 42.22
C GLY B 143 -4.14 -23.41 41.02
N ARG B 144 -3.86 -22.33 40.29
CA ARG B 144 -4.65 -22.03 39.09
C ARG B 144 -4.35 -22.96 37.92
N ASN B 145 -5.41 -23.32 37.21
CA ASN B 145 -5.27 -23.96 35.91
C ASN B 145 -5.20 -22.86 34.86
N VAL B 146 -4.39 -23.10 33.83
CA VAL B 146 -4.06 -22.04 32.87
C VAL B 146 -4.19 -22.56 31.45
N ILE B 147 -4.71 -21.72 30.55
CA ILE B 147 -4.73 -22.02 29.10
C ILE B 147 -3.94 -20.89 28.46
N ILE B 148 -3.01 -21.22 27.56
CA ILE B 148 -2.16 -20.24 26.88
C ILE B 148 -2.28 -20.43 25.37
N CYS B 149 -2.69 -19.38 24.66
CA CYS B 149 -2.73 -19.41 23.20
C CYS B 149 -2.06 -18.19 22.63
N GLY B 150 -1.62 -18.34 21.41
CA GLY B 150 -1.18 -17.21 20.65
C GLY B 150 -0.07 -17.63 19.73
N ASN B 151 0.58 -16.61 19.21
CA ASN B 151 1.67 -16.81 18.26
C ASN B 151 2.95 -16.79 19.06
N PHE B 152 3.56 -17.99 19.24
CA PHE B 152 4.84 -18.18 19.92
C PHE B 152 6.04 -17.81 19.04
N ASN B 153 5.81 -17.73 17.73
CA ASN B 153 6.83 -17.33 16.76
C ASN B 153 8.03 -18.27 16.67
N THR B 154 7.78 -19.53 17.03
CA THR B 154 8.81 -20.57 17.00
C THR B 154 8.17 -21.92 16.71
N ALA B 155 8.75 -22.65 15.77
CA ALA B 155 8.39 -24.04 15.50
C ALA B 155 9.21 -24.90 16.49
N HIS B 156 8.55 -25.83 17.17
CA HIS B 156 9.18 -26.52 18.29
C HIS B 156 10.18 -27.57 17.81
N ARG B 157 9.71 -28.44 16.93
CA ARG B 157 10.51 -29.58 16.44
C ARG B 157 10.52 -29.61 14.92
N GLU B 158 11.25 -30.56 14.33
CA GLU B 158 11.40 -30.62 12.86
C GLU B 158 10.10 -30.90 12.15
N ILE B 159 9.20 -31.63 12.81
CA ILE B 159 7.90 -31.96 12.27
C ILE B 159 7.00 -30.71 12.15
N ASP B 160 7.41 -29.64 12.82
CA ASP B 160 6.63 -28.41 12.91
C ASP B 160 6.91 -27.34 11.82
N LEU B 161 7.73 -27.69 10.82
CA LEU B 161 7.89 -26.85 9.62
C LEU B 161 8.32 -27.71 8.43
N ALA B 162 8.00 -27.26 7.21
CA ALA B 162 8.29 -27.99 5.98
C ALA B 162 9.79 -28.07 5.66
N ARG B 163 10.55 -27.04 6.02
CA ARG B 163 11.99 -26.96 5.71
C ARG B 163 12.85 -26.78 6.95
N PRO B 164 12.95 -27.84 7.81
CA PRO B 164 13.72 -27.68 9.03
C PRO B 164 15.19 -27.37 8.79
N LYS B 165 15.78 -28.04 7.78
CA LYS B 165 17.22 -27.95 7.53
C LYS B 165 17.65 -26.55 7.13
N GLU B 166 16.90 -25.95 6.22
CA GLU B 166 17.23 -24.63 5.72
CA GLU B 166 17.20 -24.62 5.71
C GLU B 166 17.07 -23.53 6.77
N ASN B 167 16.32 -23.82 7.84
CA ASN B 167 16.02 -22.78 8.82
C ASN B 167 16.72 -22.90 10.18
N SER B 168 17.75 -23.74 10.23
CA SER B 168 18.51 -23.96 11.45
C SER B 168 19.13 -22.70 12.05
N ASN B 169 19.34 -21.69 11.21
CA ASN B 169 19.92 -20.42 11.65
CA ASN B 169 19.89 -20.41 11.70
C ASN B 169 19.00 -19.21 11.43
N VAL B 170 17.69 -19.48 11.30
CA VAL B 170 16.66 -18.46 11.12
C VAL B 170 15.82 -18.38 12.39
N SER B 171 15.70 -17.18 12.96
CA SER B 171 14.81 -16.98 14.12
C SER B 171 13.43 -17.56 13.81
N GLY B 172 12.95 -18.36 14.75
CA GLY B 172 11.77 -19.18 14.56
C GLY B 172 12.06 -20.66 14.54
N PHE B 173 13.29 -21.02 14.20
CA PHE B 173 13.74 -22.41 14.38
C PHE B 173 15.17 -22.49 14.95
N LEU B 174 15.60 -21.45 15.67
CA LEU B 174 16.94 -21.50 16.28
C LEU B 174 16.98 -22.50 17.44
N PRO B 175 18.11 -23.25 17.59
CA PRO B 175 18.27 -24.13 18.74
C PRO B 175 17.85 -23.46 20.06
N VAL B 176 18.33 -22.24 20.33
CA VAL B 176 17.98 -21.55 21.58
C VAL B 176 16.46 -21.36 21.79
N GLU B 177 15.76 -21.08 20.69
CA GLU B 177 14.32 -20.87 20.77
C GLU B 177 13.59 -22.18 21.00
N ARG B 178 13.98 -23.21 20.25
CA ARG B 178 13.41 -24.55 20.39
C ARG B 178 13.63 -25.09 21.80
N ALA B 179 14.79 -24.76 22.35
CA ALA B 179 15.14 -25.18 23.71
C ALA B 179 14.25 -24.48 24.74
N TRP B 180 13.85 -23.22 24.47
CA TRP B 180 12.95 -22.55 25.43
C TRP B 180 11.61 -23.27 25.48
N ILE B 181 11.11 -23.71 24.34
CA ILE B 181 9.86 -24.47 24.29
C ILE B 181 9.98 -25.81 25.03
N ASP B 182 11.08 -26.54 24.80
CA ASP B 182 11.36 -27.76 25.58
C ASP B 182 11.25 -27.47 27.07
N LYS B 183 11.86 -26.37 27.50
CA LYS B 183 11.92 -25.98 28.90
C LYS B 183 10.55 -25.62 29.44
N PHE B 184 9.75 -25.00 28.57
CA PHE B 184 8.42 -24.56 28.93
C PHE B 184 7.62 -25.81 29.16
N ILE B 185 7.75 -26.78 28.26
CA ILE B 185 7.01 -28.02 28.42
C ILE B 185 7.48 -28.75 29.68
N GLU B 186 8.78 -28.85 29.87
CA GLU B 186 9.34 -29.54 31.04
C GLU B 186 8.92 -28.87 32.37
N ASN B 187 8.50 -27.61 32.32
CA ASN B 187 7.97 -26.91 33.49
C ASN B 187 6.54 -27.31 33.88
N GLY B 188 5.94 -28.22 33.14
CA GLY B 188 4.62 -28.78 33.47
C GLY B 188 3.49 -28.38 32.53
N TYR B 189 3.82 -28.11 31.28
CA TYR B 189 2.82 -27.67 30.28
C TYR B 189 2.80 -28.56 29.03
N VAL B 190 1.63 -28.64 28.41
CA VAL B 190 1.39 -29.57 27.33
C VAL B 190 0.97 -28.83 26.07
N ASP B 191 1.65 -29.13 24.97
CA ASP B 191 1.35 -28.62 23.65
C ASP B 191 0.13 -29.42 23.23
N THR B 192 -1.06 -28.82 23.33
CA THR B 192 -2.32 -29.56 23.13
C THR B 192 -2.51 -30.20 21.75
N PHE B 193 -2.05 -29.55 20.69
CA PHE B 193 -2.29 -30.10 19.36
C PHE B 193 -1.69 -31.53 19.25
N ARG B 194 -0.52 -31.69 19.85
CA ARG B 194 0.26 -32.95 19.80
C ARG B 194 -0.34 -34.06 20.67
N MET B 195 -1.31 -33.70 21.50
CA MET B 195 -2.12 -34.69 22.25
C MET B 195 -2.99 -35.52 21.32
N PHE B 196 -3.33 -34.97 20.15
CA PHE B 196 -4.36 -35.54 19.28
C PHE B 196 -3.83 -35.87 17.89
N ASN B 197 -2.73 -35.24 17.50
CA ASN B 197 -2.25 -35.34 16.12
C ASN B 197 -0.73 -35.35 16.07
N SER B 198 -0.17 -36.46 15.62
CA SER B 198 1.28 -36.57 15.50
C SER B 198 1.76 -36.51 14.03
N ASP B 199 0.87 -36.11 13.12
CA ASP B 199 1.18 -35.99 11.69
C ASP B 199 2.12 -34.83 11.33
N PRO B 200 2.91 -35.01 10.27
CA PRO B 200 3.64 -33.87 9.74
C PRO B 200 2.73 -33.06 8.82
N GLY B 201 3.25 -31.95 8.28
CA GLY B 201 2.49 -31.12 7.36
C GLY B 201 1.37 -30.32 8.03
N GLN B 202 1.42 -30.18 9.34
CA GLN B 202 0.36 -29.48 10.09
C GLN B 202 0.91 -28.12 10.53
N TYR B 203 0.49 -27.07 9.83
CA TYR B 203 1.15 -25.75 10.00
C TYR B 203 0.09 -24.68 10.24
N THR B 204 0.53 -23.52 10.75
CA THR B 204 -0.41 -22.44 11.03
C THR B 204 0.05 -21.10 10.41
N TRP B 205 1.21 -21.11 9.78
CA TRP B 205 1.73 -19.91 9.11
C TRP B 205 2.46 -20.28 7.82
N TRP B 206 2.28 -19.47 6.79
CA TRP B 206 2.95 -19.67 5.51
C TRP B 206 3.34 -18.28 5.02
N SER B 207 4.54 -18.18 4.47
CA SER B 207 5.03 -16.90 3.97
C SER B 207 4.16 -16.44 2.81
N TYR B 208 3.74 -15.18 2.82
CA TYR B 208 3.10 -14.57 1.66
C TYR B 208 4.06 -14.52 0.47
N ARG B 209 5.30 -14.13 0.76
CA ARG B 209 6.29 -13.78 -0.27
C ARG B 209 6.53 -14.81 -1.36
N THR B 210 6.54 -16.09 -0.97
CA THR B 210 6.87 -17.14 -1.94
C THR B 210 5.66 -18.00 -2.30
N ARG B 211 4.46 -17.53 -1.97
CA ARG B 211 3.23 -18.25 -2.30
C ARG B 211 3.22 -19.62 -1.61
N ALA B 212 3.77 -19.66 -0.41
CA ALA B 212 4.01 -20.90 0.31
C ALA B 212 2.75 -21.68 0.72
N ARG B 213 1.62 -20.98 0.90
CA ARG B 213 0.42 -21.64 1.38
C ARG B 213 -0.19 -22.66 0.40
N GLU B 214 -0.24 -22.30 -0.88
CA GLU B 214 -0.75 -23.23 -1.91
C GLU B 214 0.06 -24.51 -2.01
N ARG B 215 1.35 -24.44 -1.67
CA ARG B 215 2.19 -25.64 -1.64
C ARG B 215 2.36 -26.22 -0.23
N ASN B 216 1.60 -25.67 0.72
CA ASN B 216 1.71 -26.04 2.14
C ASN B 216 3.14 -26.06 2.68
N VAL B 217 3.93 -25.06 2.32
CA VAL B 217 5.26 -24.91 2.88
C VAL B 217 5.14 -23.99 4.08
N GLY B 218 4.69 -24.56 5.20
CA GLY B 218 4.40 -23.77 6.38
C GLY B 218 5.19 -24.12 7.61
N TRP B 219 4.84 -23.45 8.69
CA TRP B 219 5.45 -23.63 9.98
C TRP B 219 4.31 -23.62 10.99
N ARG B 220 4.44 -24.40 12.07
CA ARG B 220 3.47 -24.34 13.16
C ARG B 220 3.99 -23.38 14.22
N LEU B 221 3.46 -22.16 14.20
CA LEU B 221 3.90 -21.10 15.12
C LEU B 221 2.84 -20.77 16.20
N ASP B 222 1.63 -21.23 16.00
CA ASP B 222 0.51 -20.88 16.88
C ASP B 222 0.10 -22.11 17.65
N TYR B 223 -0.04 -21.95 18.98
CA TYR B 223 -0.25 -23.09 19.89
C TYR B 223 -1.30 -22.81 20.96
N PHE B 224 -1.92 -23.88 21.46
CA PHE B 224 -2.64 -23.88 22.74
C PHE B 224 -1.87 -24.79 23.69
N PHE B 225 -1.42 -24.23 24.82
CA PHE B 225 -0.83 -25.03 25.87
C PHE B 225 -1.76 -25.01 27.08
N VAL B 226 -1.75 -26.09 27.86
CA VAL B 226 -2.35 -26.08 29.22
C VAL B 226 -1.34 -26.59 30.25
N ASN B 227 -1.55 -26.25 31.53
CA ASN B 227 -0.77 -26.89 32.59
C ASN B 227 -1.18 -28.37 32.64
N GLU B 228 -0.23 -29.24 32.96
CA GLU B 228 -0.44 -30.70 32.86
C GLU B 228 -1.57 -31.21 33.76
N GLU B 229 -1.75 -30.56 34.91
CA GLU B 229 -2.86 -30.91 35.82
C GLU B 229 -4.23 -30.68 35.24
N PHE B 230 -4.29 -29.97 34.10
CA PHE B 230 -5.56 -29.53 33.53
C PHE B 230 -5.80 -30.26 32.21
N LYS B 231 -4.79 -31.01 31.77
CA LYS B 231 -4.83 -31.62 30.44
C LYS B 231 -5.99 -32.60 30.20
N GLY B 232 -6.50 -33.22 31.27
CA GLY B 232 -7.67 -34.10 31.15
C GLY B 232 -8.94 -33.37 30.70
N LYS B 233 -8.97 -32.04 30.83
CA LYS B 233 -10.16 -31.28 30.44
C LYS B 233 -10.12 -30.83 28.97
N VAL B 234 -9.00 -31.10 28.28
CA VAL B 234 -8.86 -30.73 26.86
C VAL B 234 -9.51 -31.82 26.00
N LYS B 235 -10.57 -31.46 25.29
CA LYS B 235 -11.31 -32.42 24.45
C LYS B 235 -10.88 -32.42 22.99
N ARG B 236 -10.33 -31.28 22.53
CA ARG B 236 -9.93 -31.17 21.13
C ARG B 236 -8.95 -30.00 21.01
N SER B 237 -7.99 -30.16 20.11
CA SER B 237 -7.05 -29.10 19.73
C SER B 237 -6.80 -29.30 18.26
N TRP B 238 -7.10 -28.27 17.46
CA TRP B 238 -7.02 -28.42 16.03
C TRP B 238 -6.62 -27.11 15.31
N ILE B 239 -6.35 -27.25 14.02
CA ILE B 239 -5.92 -26.15 13.17
C ILE B 239 -7.00 -25.93 12.12
N LEU B 240 -7.48 -24.69 12.02
CA LEU B 240 -8.49 -24.30 11.06
C LEU B 240 -7.80 -23.90 9.75
N SER B 241 -7.15 -24.90 9.13
CA SER B 241 -6.30 -24.78 7.93
C SER B 241 -6.90 -24.01 6.77
N ASP B 242 -8.22 -24.06 6.62
CA ASP B 242 -8.85 -23.50 5.44
C ASP B 242 -9.38 -22.08 5.60
N VAL B 243 -9.26 -21.53 6.79
CA VAL B 243 -9.70 -20.16 7.01
C VAL B 243 -8.60 -19.20 6.53
N MET B 244 -8.96 -18.39 5.53
CA MET B 244 -8.03 -17.52 4.82
C MET B 244 -8.14 -16.12 5.39
N GLY B 245 -7.37 -15.20 4.81
CA GLY B 245 -7.46 -13.81 5.25
C GLY B 245 -6.20 -13.24 5.94
N SER B 246 -5.34 -14.14 6.43
CA SER B 246 -4.11 -13.77 7.14
C SER B 246 -3.02 -14.70 6.64
N ASP B 247 -1.76 -14.43 6.99
CA ASP B 247 -0.71 -15.42 6.70
C ASP B 247 -0.65 -16.58 7.73
N HIS B 248 -1.39 -16.39 8.83
CA HIS B 248 -1.63 -17.43 9.84
C HIS B 248 -3.09 -17.89 9.64
N CYS B 249 -3.38 -19.15 9.95
CA CYS B 249 -4.76 -19.60 10.07
C CYS B 249 -5.12 -19.71 11.58
N PRO B 250 -6.43 -19.76 11.91
CA PRO B 250 -6.87 -19.88 13.31
C PRO B 250 -6.52 -21.26 13.86
N ILE B 251 -6.38 -21.35 15.18
CA ILE B 251 -6.32 -22.67 15.84
C ILE B 251 -7.44 -22.73 16.88
N GLY B 252 -7.80 -23.94 17.27
CA GLY B 252 -8.98 -24.18 18.10
C GLY B 252 -8.70 -25.07 19.31
N LEU B 253 -9.44 -24.81 20.38
CA LEU B 253 -9.42 -25.67 21.57
C LEU B 253 -10.83 -25.84 22.11
N GLU B 254 -11.20 -27.10 22.42
CA GLU B 254 -12.42 -27.43 23.16
C GLU B 254 -12.02 -27.83 24.56
N ILE B 255 -12.56 -27.14 25.56
CA ILE B 255 -12.23 -27.42 26.94
C ILE B 255 -13.51 -27.77 27.71
N GLU B 256 -13.45 -28.83 28.51
CA GLU B 256 -14.59 -29.24 29.32
C GLU B 256 -14.60 -28.51 30.66
N LEU B 257 -15.72 -27.85 30.93
CA LEU B 257 -15.88 -26.88 32.05
C LEU B 257 -14.99 -25.62 31.89
#